data_2O51
#
_entry.id   2O51
#
_cell.length_a   63.578
_cell.length_b   50.332
_cell.length_c   66.080
_cell.angle_alpha   90.00
_cell.angle_beta   107.94
_cell.angle_gamma   90.00
#
_symmetry.space_group_name_H-M   'P 1 21 1'
#
loop_
_entity.id
_entity.type
_entity.pdbx_description
1 polymer Lactotransferrin
2 branched alpha-D-mannopyranose-(1-4)-beta-D-mannopyranose-(1-4)-2-acetamido-2-deoxy-beta-D-glucopyranose-(1-4)-2-acetamido-2-deoxy-beta-D-glucopyranose
3 branched 2-acetamido-2-deoxy-beta-D-glucopyranose-(1-4)-2-acetamido-2-deoxy-beta-D-glucopyranose
4 branched beta-D-mannopyranose-(1-4)-alpha-D-mannopyranose-(1-4)-2-acetamido-2-deoxy-beta-D-glucopyranose-(1-4)-2-acetamido-2-deoxy-beta-D-glucopyranose
5 non-polymer beta-D-fructofuranose
6 non-polymer 'FE (III) ION'
7 non-polymer 'CARBONATE ION'
8 non-polymer 'ZINC ION'
9 non-polymer 'SULFATE ION'
10 water water
#
_entity_poly.entity_id   1
_entity_poly.type   'polypeptide(L)'
_entity_poly.pdbx_seq_one_letter_code
;YTRVVWCAVGPEEQKKCQQWSQQSGQNVTCATASTTDDCIVLVLKGEADALNLDGGYIYTAGKCGLVPVLAENRKSSKHS
SLDCVLRPTEGYLAVAVVKKANEGLTWNSLKDKKSCHTAVDRTAGWNIPMGLIVNQTGSCAFDEFFSQSCAPGADPKSRL
CALCAGDDQGLDKCVPNSKEKYYGYTGAFRCLAEDVGDVAFVKNDTVWENTNGESTADWAKNLKREDFRLLCLDGTRKPV
TEAQSCHLAVAPNHAVVSRSDRAAHVEQVLLHQQALFGKNGKNCPDKFCLFKSETKNLLFNDNTECLAKLGGRPTYEEYL
GTEYVTAIANLKKCSTSPLLEACAF
;
_entity_poly.pdbx_strand_id   A
#
# COMPACT_ATOMS: atom_id res chain seq x y z
N TYR A 1 -16.05 17.79 19.41
CA TYR A 1 -14.69 18.35 19.17
C TYR A 1 -13.60 17.30 19.00
N THR A 2 -13.19 16.71 20.12
CA THR A 2 -12.10 15.77 20.15
C THR A 2 -12.29 14.25 19.96
N ARG A 3 -13.16 13.84 19.04
CA ARG A 3 -13.34 12.41 18.78
C ARG A 3 -13.14 12.15 17.28
N VAL A 4 -12.28 11.18 16.97
CA VAL A 4 -11.98 10.81 15.58
C VAL A 4 -12.57 9.48 15.16
N VAL A 5 -13.26 9.49 14.01
CA VAL A 5 -13.88 8.28 13.46
C VAL A 5 -13.01 7.77 12.33
N TRP A 6 -12.30 6.68 12.59
CA TRP A 6 -11.41 6.08 11.62
C TRP A 6 -12.22 5.23 10.65
N CYS A 7 -11.74 5.10 9.42
CA CYS A 7 -12.45 4.28 8.45
C CYS A 7 -11.64 3.03 8.17
N ALA A 8 -12.22 1.89 8.52
CA ALA A 8 -11.58 0.60 8.30
C ALA A 8 -12.08 -0.02 7.00
N VAL A 9 -11.15 -0.58 6.23
CA VAL A 9 -11.49 -1.22 4.96
C VAL A 9 -11.55 -2.74 5.15
N GLY A 10 -12.77 -3.28 5.19
CA GLY A 10 -12.96 -4.71 5.34
C GLY A 10 -13.01 -5.18 6.78
N PRO A 11 -13.44 -6.43 7.02
CA PRO A 11 -13.56 -7.07 8.35
C PRO A 11 -12.31 -7.26 9.22
N GLU A 12 -11.14 -7.45 8.64
CA GLU A 12 -9.94 -7.63 9.46
C GLU A 12 -9.43 -6.30 10.00
N GLU A 13 -9.62 -5.24 9.23
CA GLU A 13 -9.19 -3.92 9.66
C GLU A 13 -10.20 -3.36 10.66
N GLN A 14 -11.44 -3.88 10.61
CA GLN A 14 -12.47 -3.41 11.54
C GLN A 14 -12.24 -3.95 12.95
N LYS A 15 -11.72 -5.16 13.07
CA LYS A 15 -11.53 -5.68 14.39
C LYS A 15 -10.27 -5.12 15.04
N LYS A 16 -9.31 -4.65 14.24
CA LYS A 16 -8.12 -4.06 14.84
C LYS A 16 -8.47 -2.66 15.26
N CYS A 17 -9.38 -2.03 14.53
CA CYS A 17 -9.81 -0.68 14.87
C CYS A 17 -10.64 -0.72 16.15
N GLN A 18 -11.55 -1.69 16.26
CA GLN A 18 -12.39 -1.80 17.45
C GLN A 18 -11.56 -1.97 18.69
N GLN A 19 -10.43 -2.68 18.56
CA GLN A 19 -9.53 -2.88 19.69
C GLN A 19 -8.84 -1.54 19.99
N TRP A 20 -8.51 -0.81 18.94
CA TRP A 20 -7.88 0.49 19.09
C TRP A 20 -8.89 1.37 19.80
N SER A 21 -10.14 1.24 19.37
CA SER A 21 -11.24 2.01 19.94
C SER A 21 -11.47 1.66 21.40
N GLN A 22 -11.43 0.36 21.68
CA GLN A 22 -11.62 -0.14 23.04
C GLN A 22 -10.64 0.59 23.97
N GLN A 23 -9.35 0.44 23.64
CA GLN A 23 -8.23 1.01 24.39
C GLN A 23 -8.08 2.53 24.38
N SER A 24 -8.86 3.23 23.56
CA SER A 24 -8.77 4.68 23.48
C SER A 24 -9.80 5.38 24.34
N GLY A 25 -10.74 4.61 24.87
CA GLY A 25 -11.79 5.20 25.69
C GLY A 25 -12.72 6.00 24.80
N GLN A 26 -12.97 5.47 23.60
CA GLN A 26 -13.84 6.11 22.63
C GLN A 26 -13.24 7.36 22.00
N ASN A 27 -11.94 7.60 22.20
CA ASN A 27 -11.33 8.77 21.59
C ASN A 27 -11.24 8.57 20.10
N VAL A 28 -11.34 7.31 19.70
CA VAL A 28 -11.29 6.91 18.31
C VAL A 28 -12.37 5.87 18.12
N THR A 29 -13.25 6.13 17.16
CA THR A 29 -14.36 5.24 16.84
C THR A 29 -14.21 4.72 15.42
N CYS A 30 -14.87 3.61 15.08
CA CYS A 30 -14.71 3.05 13.74
C CYS A 30 -15.91 2.97 12.82
N ALA A 31 -15.63 3.25 11.55
CA ALA A 31 -16.62 3.14 10.49
C ALA A 31 -16.03 2.02 9.64
N THR A 32 -16.85 1.35 8.83
CA THR A 32 -16.34 0.27 8.00
C THR A 32 -16.90 0.32 6.58
N ALA A 33 -16.03 0.08 5.61
CA ALA A 33 -16.43 0.08 4.20
C ALA A 33 -15.86 -1.15 3.51
N SER A 34 -16.44 -1.54 2.38
CA SER A 34 -15.96 -2.72 1.66
C SER A 34 -14.74 -2.43 0.81
N THR A 35 -14.52 -1.17 0.45
CA THR A 35 -13.37 -0.82 -0.38
C THR A 35 -12.85 0.55 0.01
N THR A 36 -11.61 0.85 -0.39
CA THR A 36 -11.01 2.13 -0.06
C THR A 36 -11.81 3.30 -0.62
N ASP A 37 -12.21 3.21 -1.88
CA ASP A 37 -13.00 4.29 -2.47
C ASP A 37 -14.22 4.59 -1.63
N ASP A 38 -14.82 3.56 -1.04
CA ASP A 38 -15.99 3.78 -0.21
C ASP A 38 -15.62 4.51 1.06
N CYS A 39 -14.44 4.23 1.59
CA CYS A 39 -13.98 4.92 2.80
C CYS A 39 -13.75 6.39 2.47
N ILE A 40 -13.32 6.66 1.25
CA ILE A 40 -13.09 8.04 0.84
C ILE A 40 -14.44 8.74 0.83
N VAL A 41 -15.46 8.08 0.28
CA VAL A 41 -16.81 8.64 0.20
C VAL A 41 -17.37 8.93 1.58
N LEU A 42 -17.16 8.03 2.54
CA LEU A 42 -17.64 8.24 3.90
C LEU A 42 -16.96 9.45 4.53
N VAL A 43 -15.69 9.65 4.21
CA VAL A 43 -14.97 10.79 4.75
C VAL A 43 -15.46 12.10 4.12
N LEU A 44 -15.85 12.03 2.86
CA LEU A 44 -16.37 13.21 2.18
C LEU A 44 -17.71 13.59 2.79
N LYS A 45 -18.57 12.59 2.96
CA LYS A 45 -19.89 12.83 3.51
C LYS A 45 -19.79 13.38 4.93
N GLY A 46 -18.69 13.10 5.61
CA GLY A 46 -18.51 13.59 6.96
C GLY A 46 -18.77 12.53 8.00
N GLU A 47 -19.15 11.33 7.55
CA GLU A 47 -19.45 10.22 8.46
C GLU A 47 -18.20 9.52 9.01
N ALA A 48 -17.06 9.80 8.43
CA ALA A 48 -15.80 9.23 8.87
C ALA A 48 -14.79 10.39 8.84
N ASP A 49 -13.78 10.34 9.69
CA ASP A 49 -12.79 11.42 9.73
C ASP A 49 -11.53 11.19 8.92
N ALA A 50 -10.86 10.06 9.14
CA ALA A 50 -9.62 9.76 8.45
C ALA A 50 -9.35 8.29 8.22
N LEU A 51 -8.30 8.03 7.46
CA LEU A 51 -7.82 6.68 7.15
C LEU A 51 -6.46 6.89 6.56
N ASN A 52 -5.62 5.87 6.69
CA ASN A 52 -4.26 5.88 6.16
C ASN A 52 -4.39 5.34 4.72
N LEU A 53 -3.80 6.06 3.76
CA LEU A 53 -3.88 5.69 2.35
C LEU A 53 -2.55 5.56 1.59
N ASP A 54 -2.57 4.77 0.52
CA ASP A 54 -1.42 4.59 -0.36
C ASP A 54 -1.44 5.81 -1.28
N GLY A 55 -0.30 6.13 -1.89
CA GLY A 55 -0.25 7.29 -2.77
C GLY A 55 -1.24 7.24 -3.91
N GLY A 56 -1.50 6.04 -4.40
CA GLY A 56 -2.43 5.87 -5.50
C GLY A 56 -3.80 6.43 -5.18
N TYR A 57 -4.25 6.20 -3.96
CA TYR A 57 -5.56 6.67 -3.55
C TYR A 57 -5.52 8.17 -3.19
N ILE A 58 -4.37 8.63 -2.71
CA ILE A 58 -4.20 10.03 -2.34
C ILE A 58 -4.52 10.91 -3.53
N TYR A 59 -4.14 10.45 -4.71
CA TYR A 59 -4.41 11.18 -5.95
C TYR A 59 -5.92 11.32 -6.11
N THR A 60 -6.63 10.22 -5.90
CA THR A 60 -8.08 10.19 -5.99
C THR A 60 -8.69 11.12 -4.94
N ALA A 61 -8.43 10.81 -3.68
CA ALA A 61 -8.94 11.60 -2.57
C ALA A 61 -8.58 13.06 -2.74
N GLY A 62 -7.44 13.33 -3.37
CA GLY A 62 -6.99 14.69 -3.55
C GLY A 62 -7.84 15.47 -4.53
N LYS A 63 -8.26 14.80 -5.59
CA LYS A 63 -9.10 15.40 -6.61
C LYS A 63 -10.45 15.73 -6.01
N CYS A 64 -10.83 14.99 -4.97
CA CYS A 64 -12.12 15.22 -4.32
C CYS A 64 -11.99 16.14 -3.10
N GLY A 65 -10.82 16.77 -2.93
CA GLY A 65 -10.63 17.70 -1.80
C GLY A 65 -9.95 17.26 -0.53
N LEU A 66 -9.86 15.96 -0.27
CA LEU A 66 -9.20 15.48 0.94
C LEU A 66 -7.73 15.90 1.00
N VAL A 67 -7.21 16.07 2.20
CA VAL A 67 -5.83 16.49 2.36
C VAL A 67 -4.96 15.60 3.25
N PRO A 68 -3.67 15.49 2.91
CA PRO A 68 -2.71 14.69 3.67
C PRO A 68 -2.38 15.39 4.99
N VAL A 69 -2.51 14.66 6.10
CA VAL A 69 -2.25 15.17 7.44
C VAL A 69 -0.87 14.76 7.96
N LEU A 70 -0.72 13.47 8.24
CA LEU A 70 0.54 12.90 8.74
C LEU A 70 0.96 11.77 7.81
N ALA A 71 2.26 11.47 7.79
CA ALA A 71 2.80 10.41 6.94
C ALA A 71 3.43 9.28 7.75
N GLU A 72 3.64 8.14 7.11
CA GLU A 72 4.29 7.00 7.75
C GLU A 72 5.81 7.12 7.58
N ASN A 73 6.55 6.75 8.62
CA ASN A 73 8.00 6.80 8.58
C ASN A 73 8.57 5.49 9.10
N ARG A 74 9.42 4.82 8.32
CA ARG A 74 10.00 3.55 8.77
C ARG A 74 11.41 3.78 9.33
N LYS A 75 12.09 2.68 9.66
CA LYS A 75 13.45 2.74 10.19
C LYS A 75 14.38 3.38 9.17
N SER A 76 15.21 4.31 9.61
CA SER A 76 16.14 4.99 8.72
C SER A 76 17.55 5.07 9.31
N SER A 77 18.52 5.36 8.45
CA SER A 77 19.91 5.49 8.90
C SER A 77 20.43 6.91 8.66
N LYS A 78 19.79 7.63 7.73
CA LYS A 78 20.15 9.02 7.46
C LYS A 78 19.16 9.85 8.28
N HIS A 79 19.62 10.94 8.87
CA HIS A 79 18.77 11.79 9.71
C HIS A 79 18.57 11.09 11.04
N SER A 80 19.67 10.62 11.63
CA SER A 80 19.61 9.90 12.89
C SER A 80 19.42 10.75 14.15
N SER A 81 19.70 12.04 14.06
CA SER A 81 19.55 12.94 15.21
C SER A 81 18.08 13.36 15.38
N LEU A 82 17.43 13.62 14.25
CA LEU A 82 16.05 14.03 14.24
C LEU A 82 15.09 13.01 14.81
N ASP A 83 14.04 13.51 15.46
CA ASP A 83 13.03 12.66 16.06
C ASP A 83 12.12 12.17 14.93
N CYS A 84 11.61 10.94 15.08
CA CYS A 84 10.76 10.37 14.05
C CYS A 84 9.68 11.28 13.48
N VAL A 85 9.02 12.03 14.35
CA VAL A 85 7.95 12.91 13.90
C VAL A 85 8.38 14.14 13.08
N LEU A 86 9.58 14.67 13.37
CA LEU A 86 10.08 15.83 12.66
C LEU A 86 10.94 15.43 11.48
N ARG A 87 11.38 14.16 11.51
CA ARG A 87 12.23 13.59 10.49
C ARG A 87 11.50 13.36 9.16
N PRO A 88 12.06 13.87 8.06
CA PRO A 88 11.51 13.74 6.71
C PRO A 88 11.20 12.30 6.31
N THR A 89 10.29 12.12 5.36
CA THR A 89 9.93 10.79 4.87
C THR A 89 10.77 10.51 3.63
N GLU A 90 11.32 9.30 3.56
CA GLU A 90 12.17 8.92 2.43
C GLU A 90 11.47 8.26 1.25
N GLY A 91 10.23 7.84 1.44
CA GLY A 91 9.52 7.18 0.36
C GLY A 91 9.94 5.72 0.37
N TYR A 92 9.44 4.93 -0.57
CA TYR A 92 9.82 3.53 -0.61
C TYR A 92 10.01 3.04 -2.05
N LEU A 93 10.73 1.95 -2.20
CA LEU A 93 11.06 1.41 -3.52
C LEU A 93 10.08 0.43 -4.16
N ALA A 94 9.51 0.82 -5.29
CA ALA A 94 8.58 -0.05 -6.00
C ALA A 94 9.46 -0.98 -6.80
N VAL A 95 9.26 -2.29 -6.67
CA VAL A 95 10.06 -3.26 -7.41
C VAL A 95 9.25 -4.35 -8.08
N ALA A 96 9.90 -5.04 -9.02
CA ALA A 96 9.29 -6.15 -9.75
C ALA A 96 10.06 -7.37 -9.27
N VAL A 97 9.41 -8.24 -8.50
CA VAL A 97 10.08 -9.42 -7.98
C VAL A 97 9.69 -10.68 -8.73
N VAL A 98 10.63 -11.62 -8.83
CA VAL A 98 10.39 -12.89 -9.52
C VAL A 98 11.14 -14.01 -8.78
N LYS A 99 10.94 -15.23 -9.25
CA LYS A 99 11.59 -16.38 -8.66
C LYS A 99 12.89 -16.61 -9.39
N LYS A 100 13.98 -16.79 -8.66
CA LYS A 100 15.29 -17.03 -9.25
C LYS A 100 15.22 -18.20 -10.22
N ALA A 101 14.60 -19.30 -9.78
CA ALA A 101 14.44 -20.50 -10.60
C ALA A 101 13.80 -20.21 -11.96
N ASN A 102 13.11 -19.08 -12.06
CA ASN A 102 12.46 -18.68 -13.30
C ASN A 102 13.49 -17.92 -14.14
N GLU A 103 14.49 -18.65 -14.62
CA GLU A 103 15.57 -18.07 -15.43
C GLU A 103 15.08 -17.59 -16.78
N GLY A 104 15.75 -16.58 -17.32
CA GLY A 104 15.34 -16.06 -18.61
C GLY A 104 14.23 -15.02 -18.54
N LEU A 105 13.51 -14.97 -17.42
CA LEU A 105 12.44 -14.00 -17.25
C LEU A 105 13.02 -12.64 -16.90
N THR A 106 12.82 -11.66 -17.79
CA THR A 106 13.32 -10.31 -17.59
C THR A 106 12.26 -9.28 -17.96
N TRP A 107 12.47 -8.02 -17.59
CA TRP A 107 11.51 -6.98 -17.89
C TRP A 107 11.06 -6.94 -19.35
N ASN A 108 11.85 -7.52 -20.23
CA ASN A 108 11.49 -7.49 -21.64
C ASN A 108 10.75 -8.73 -22.10
N SER A 109 10.66 -9.73 -21.24
CA SER A 109 9.96 -10.95 -21.58
C SER A 109 8.77 -11.14 -20.64
N LEU A 110 8.14 -10.03 -20.28
CA LEU A 110 6.97 -10.06 -19.40
C LEU A 110 5.66 -10.31 -20.15
N LYS A 111 5.67 -10.02 -21.45
CA LYS A 111 4.48 -10.20 -22.28
C LYS A 111 3.90 -11.62 -22.18
N ASP A 112 2.63 -11.71 -21.81
CA ASP A 112 1.93 -12.99 -21.67
C ASP A 112 2.32 -13.78 -20.43
N LYS A 113 2.97 -13.12 -19.47
CA LYS A 113 3.34 -13.81 -18.24
C LYS A 113 2.19 -13.65 -17.27
N LYS A 114 2.35 -14.19 -16.05
CA LYS A 114 1.31 -14.09 -15.04
C LYS A 114 1.74 -13.11 -13.98
N SER A 115 0.85 -12.17 -13.64
CA SER A 115 1.17 -11.13 -12.67
C SER A 115 0.37 -11.05 -11.38
N CYS A 116 1.01 -10.49 -10.36
CA CYS A 116 0.41 -10.29 -9.05
C CYS A 116 0.57 -8.83 -8.68
N HIS A 117 -0.56 -8.13 -8.51
CA HIS A 117 -0.53 -6.73 -8.14
C HIS A 117 -1.20 -6.52 -6.80
N THR A 118 -0.71 -5.56 -6.03
CA THR A 118 -1.29 -5.30 -4.72
C THR A 118 -2.79 -5.01 -4.81
N ALA A 119 -3.20 -4.28 -5.85
CA ALA A 119 -4.59 -3.92 -6.09
C ALA A 119 -4.60 -2.76 -7.08
N VAL A 120 -5.68 -2.66 -7.84
CA VAL A 120 -5.78 -1.59 -8.82
C VAL A 120 -5.65 -0.20 -8.16
N ASP A 121 -5.10 0.76 -8.90
CA ASP A 121 -4.93 2.13 -8.44
C ASP A 121 -3.88 2.43 -7.37
N ARG A 122 -3.10 1.43 -6.96
CA ARG A 122 -2.07 1.66 -5.95
C ARG A 122 -0.74 1.96 -6.64
N THR A 123 0.20 2.56 -5.92
CA THR A 123 1.49 2.93 -6.49
C THR A 123 2.36 1.82 -7.08
N ALA A 124 3.02 1.07 -6.21
CA ALA A 124 3.88 -0.03 -6.63
C ALA A 124 3.12 -1.20 -7.24
N GLY A 125 1.88 -1.39 -6.85
CA GLY A 125 1.14 -2.51 -7.38
C GLY A 125 0.49 -2.35 -8.74
N TRP A 126 0.16 -1.12 -9.11
CA TRP A 126 -0.52 -0.89 -10.37
C TRP A 126 -0.02 0.30 -11.18
N ASN A 127 -0.14 1.49 -10.60
CA ASN A 127 0.28 2.72 -11.28
C ASN A 127 1.68 2.75 -11.89
N ILE A 128 2.71 2.41 -11.11
CA ILE A 128 4.05 2.45 -11.66
C ILE A 128 4.25 1.42 -12.79
N PRO A 129 4.11 0.11 -12.47
CA PRO A 129 4.29 -0.93 -13.49
C PRO A 129 3.51 -0.75 -14.79
N MET A 130 2.19 -0.63 -14.69
CA MET A 130 1.36 -0.47 -15.88
C MET A 130 1.61 0.83 -16.62
N GLY A 131 1.94 1.90 -15.88
CA GLY A 131 2.21 3.15 -16.53
C GLY A 131 3.42 2.97 -17.42
N LEU A 132 4.44 2.28 -16.89
CA LEU A 132 5.65 2.01 -17.65
C LEU A 132 5.27 1.15 -18.84
N ILE A 133 4.41 0.18 -18.61
CA ILE A 133 3.99 -0.73 -19.67
C ILE A 133 3.16 -0.06 -20.78
N VAL A 134 2.23 0.81 -20.41
CA VAL A 134 1.43 1.49 -21.43
C VAL A 134 2.41 2.27 -22.29
N ASN A 135 3.24 3.07 -21.63
CA ASN A 135 4.24 3.88 -22.33
C ASN A 135 5.01 3.07 -23.33
N GLN A 136 5.83 2.14 -22.83
CA GLN A 136 6.67 1.28 -23.66
C GLN A 136 5.89 0.56 -24.76
N THR A 137 4.63 0.21 -24.48
CA THR A 137 3.83 -0.50 -25.45
C THR A 137 3.08 0.39 -26.44
N GLY A 138 3.02 1.69 -26.15
CA GLY A 138 2.33 2.60 -27.03
C GLY A 138 0.87 2.21 -27.18
N SER A 139 0.31 1.61 -26.13
CA SER A 139 -1.09 1.18 -26.15
C SER A 139 -1.73 1.20 -24.76
N CYS A 140 -3.05 1.31 -24.73
CA CYS A 140 -3.81 1.34 -23.49
C CYS A 140 -4.39 -0.02 -23.15
N ALA A 141 -4.15 -1.00 -24.00
CA ALA A 141 -4.70 -2.34 -23.79
C ALA A 141 -4.06 -3.12 -22.64
N PHE A 142 -3.66 -2.42 -21.58
CA PHE A 142 -3.03 -3.08 -20.44
C PHE A 142 -3.76 -4.32 -19.91
N ASP A 143 -5.01 -4.51 -20.32
CA ASP A 143 -5.78 -5.67 -19.88
C ASP A 143 -5.47 -6.89 -20.73
N GLU A 144 -4.60 -6.73 -21.73
CA GLU A 144 -4.21 -7.83 -22.61
C GLU A 144 -2.69 -8.04 -22.65
N PHE A 145 -1.98 -7.49 -21.66
CA PHE A 145 -0.53 -7.63 -21.63
C PHE A 145 -0.10 -8.91 -20.95
N PHE A 146 -0.69 -9.19 -19.79
CA PHE A 146 -0.38 -10.41 -19.05
C PHE A 146 -1.43 -11.45 -19.42
N SER A 147 -1.06 -12.72 -19.38
CA SER A 147 -2.02 -13.76 -19.73
C SER A 147 -3.09 -13.80 -18.65
N GLN A 148 -2.66 -13.74 -17.40
CA GLN A 148 -3.58 -13.76 -16.26
C GLN A 148 -2.94 -13.07 -15.08
N SER A 149 -3.76 -12.52 -14.20
CA SER A 149 -3.26 -11.83 -13.04
C SER A 149 -4.24 -11.87 -11.92
N CYS A 150 -3.85 -11.16 -10.86
CA CYS A 150 -4.68 -10.99 -9.69
C CYS A 150 -4.42 -9.54 -9.30
N ALA A 151 -5.26 -8.66 -9.85
CA ALA A 151 -5.18 -7.23 -9.61
C ALA A 151 -6.47 -6.92 -8.90
N PRO A 152 -6.47 -7.00 -7.56
CA PRO A 152 -7.68 -6.71 -6.79
C PRO A 152 -8.27 -5.37 -7.23
N GLY A 153 -9.56 -5.37 -7.51
CA GLY A 153 -10.23 -4.15 -7.95
C GLY A 153 -10.71 -4.23 -9.39
N ALA A 154 -10.11 -5.09 -10.21
CA ALA A 154 -10.53 -5.23 -11.60
C ALA A 154 -11.81 -6.06 -11.61
N ASP A 155 -12.49 -6.10 -12.76
CA ASP A 155 -13.73 -6.86 -12.90
C ASP A 155 -13.49 -8.35 -12.63
N PRO A 156 -14.28 -8.94 -11.72
CA PRO A 156 -14.16 -10.35 -11.35
C PRO A 156 -14.15 -11.31 -12.55
N LYS A 157 -14.93 -11.01 -13.58
CA LYS A 157 -15.00 -11.88 -14.75
C LYS A 157 -13.82 -11.73 -15.71
N SER A 158 -12.97 -10.72 -15.48
CA SER A 158 -11.82 -10.49 -16.37
C SER A 158 -10.59 -11.33 -16.03
N ARG A 159 -9.63 -11.37 -16.96
CA ARG A 159 -8.41 -12.14 -16.76
C ARG A 159 -7.51 -11.49 -15.72
N LEU A 160 -7.80 -10.22 -15.40
CA LEU A 160 -7.05 -9.47 -14.39
C LEU A 160 -7.38 -9.96 -12.98
N CYS A 161 -8.41 -10.79 -12.86
CA CYS A 161 -8.80 -11.33 -11.57
C CYS A 161 -8.58 -12.85 -11.53
N ALA A 162 -8.32 -13.40 -12.71
CA ALA A 162 -8.11 -14.83 -12.89
C ALA A 162 -7.29 -15.55 -11.82
N LEU A 163 -6.32 -14.87 -11.22
CA LEU A 163 -5.50 -15.56 -10.24
C LEU A 163 -5.79 -15.25 -8.77
N CYS A 164 -6.83 -14.48 -8.52
CA CYS A 164 -7.18 -14.14 -7.15
C CYS A 164 -7.97 -15.31 -6.54
N ALA A 165 -7.87 -15.50 -5.23
CA ALA A 165 -8.53 -16.61 -4.56
C ALA A 165 -9.82 -16.34 -3.80
N GLY A 166 -9.97 -15.14 -3.25
CA GLY A 166 -11.14 -14.84 -2.46
C GLY A 166 -10.81 -15.21 -1.02
N ASP A 167 -11.81 -15.30 -0.14
CA ASP A 167 -11.54 -15.65 1.25
C ASP A 167 -11.50 -17.16 1.48
N ASP A 168 -11.56 -17.58 2.75
CA ASP A 168 -11.50 -19.00 3.08
C ASP A 168 -12.50 -19.88 2.38
N GLN A 169 -13.65 -19.31 2.03
CA GLN A 169 -14.69 -20.06 1.32
C GLN A 169 -14.62 -19.83 -0.17
N GLY A 170 -13.77 -18.91 -0.61
CA GLY A 170 -13.68 -18.63 -2.04
C GLY A 170 -14.62 -17.53 -2.49
N LEU A 171 -15.21 -16.82 -1.52
CA LEU A 171 -16.12 -15.71 -1.81
C LEU A 171 -15.29 -14.43 -1.85
N ASP A 172 -15.88 -13.34 -2.34
CA ASP A 172 -15.19 -12.07 -2.43
C ASP A 172 -13.96 -12.11 -3.34
N LYS A 173 -14.05 -12.89 -4.41
CA LYS A 173 -12.95 -13.01 -5.35
C LYS A 173 -12.53 -11.65 -5.92
N CYS A 174 -11.25 -11.32 -5.76
CA CYS A 174 -10.69 -10.07 -6.26
C CYS A 174 -11.07 -8.78 -5.52
N VAL A 175 -11.84 -8.88 -4.44
CA VAL A 175 -12.21 -7.67 -3.72
C VAL A 175 -10.95 -6.99 -3.21
N PRO A 176 -10.86 -5.66 -3.35
CA PRO A 176 -9.68 -4.92 -2.90
C PRO A 176 -9.61 -4.59 -1.42
N ASN A 177 -9.58 -5.63 -0.59
CA ASN A 177 -9.41 -5.48 0.85
C ASN A 177 -8.82 -6.79 1.37
N SER A 178 -8.27 -6.78 2.58
CA SER A 178 -7.61 -7.95 3.12
C SER A 178 -8.33 -9.30 3.01
N LYS A 179 -9.61 -9.31 2.68
CA LYS A 179 -10.31 -10.59 2.56
C LYS A 179 -9.80 -11.45 1.40
N GLU A 180 -9.25 -10.76 0.40
CA GLU A 180 -8.68 -11.42 -0.76
C GLU A 180 -7.32 -11.96 -0.36
N LYS A 181 -7.12 -13.25 -0.60
CA LYS A 181 -5.89 -13.93 -0.24
C LYS A 181 -4.63 -13.24 -0.80
N TYR A 182 -4.75 -12.65 -1.99
CA TYR A 182 -3.61 -11.99 -2.62
C TYR A 182 -3.75 -10.48 -2.70
N TYR A 183 -4.46 -9.90 -1.75
CA TYR A 183 -4.66 -8.45 -1.70
C TYR A 183 -3.47 -7.78 -1.03
N GLY A 184 -3.17 -6.56 -1.47
CA GLY A 184 -2.08 -5.81 -0.89
C GLY A 184 -0.67 -6.35 -1.08
N TYR A 185 0.28 -5.71 -0.41
CA TYR A 185 1.68 -6.10 -0.50
C TYR A 185 1.91 -7.57 -0.18
N THR A 186 1.54 -7.96 1.03
CA THR A 186 1.74 -9.32 1.45
C THR A 186 1.03 -10.30 0.51
N GLY A 187 -0.22 -10.02 0.22
CA GLY A 187 -1.00 -10.88 -0.64
C GLY A 187 -0.37 -11.10 -2.00
N ALA A 188 0.11 -10.02 -2.61
CA ALA A 188 0.74 -10.11 -3.92
C ALA A 188 2.03 -10.90 -3.82
N PHE A 189 2.82 -10.66 -2.79
CA PHE A 189 4.06 -11.41 -2.67
C PHE A 189 3.73 -12.90 -2.53
N ARG A 190 2.75 -13.22 -1.69
CA ARG A 190 2.35 -14.61 -1.50
C ARG A 190 2.00 -15.19 -2.85
N CYS A 191 1.28 -14.40 -3.63
CA CYS A 191 0.86 -14.79 -4.97
C CYS A 191 2.04 -15.24 -5.82
N LEU A 192 3.22 -14.69 -5.55
CA LEU A 192 4.41 -15.08 -6.29
C LEU A 192 5.02 -16.28 -5.55
N ALA A 193 5.13 -16.15 -4.24
CA ALA A 193 5.69 -17.19 -3.40
C ALA A 193 5.09 -18.57 -3.66
N GLU A 194 3.78 -18.63 -3.78
CA GLU A 194 3.13 -19.90 -4.02
C GLU A 194 3.21 -20.28 -5.49
N ASP A 195 3.92 -19.48 -6.27
CA ASP A 195 4.08 -19.73 -7.70
C ASP A 195 2.77 -19.64 -8.46
N VAL A 196 1.82 -18.91 -7.89
CA VAL A 196 0.52 -18.68 -8.54
C VAL A 196 0.77 -17.68 -9.69
N GLY A 197 1.70 -16.75 -9.46
CA GLY A 197 2.03 -15.78 -10.49
C GLY A 197 3.52 -15.80 -10.81
N ASP A 198 3.90 -15.28 -11.98
CA ASP A 198 5.31 -15.25 -12.38
C ASP A 198 6.05 -14.04 -11.83
N VAL A 199 5.33 -12.95 -11.60
CA VAL A 199 5.93 -11.73 -11.07
C VAL A 199 4.95 -10.98 -10.18
N ALA A 200 5.50 -10.33 -9.17
CA ALA A 200 4.73 -9.58 -8.21
C ALA A 200 5.29 -8.16 -8.15
N PHE A 201 4.41 -7.18 -8.21
CA PHE A 201 4.79 -5.78 -8.14
C PHE A 201 4.47 -5.24 -6.75
N VAL A 202 5.46 -5.29 -5.87
CA VAL A 202 5.31 -4.82 -4.49
C VAL A 202 6.39 -3.78 -4.25
N LYS A 203 6.89 -3.71 -3.02
CA LYS A 203 7.97 -2.78 -2.72
C LYS A 203 9.09 -3.64 -2.15
N ASN A 204 10.26 -3.03 -1.96
CA ASN A 204 11.35 -3.83 -1.46
C ASN A 204 11.25 -4.31 -0.01
N ASP A 205 10.66 -3.52 0.88
CA ASP A 205 10.55 -3.96 2.26
C ASP A 205 9.76 -5.27 2.33
N THR A 206 8.84 -5.45 1.40
CA THR A 206 7.99 -6.63 1.39
C THR A 206 8.77 -7.94 1.29
N VAL A 207 9.78 -7.97 0.43
CA VAL A 207 10.61 -9.15 0.24
C VAL A 207 11.34 -9.48 1.54
N TRP A 208 12.08 -8.51 2.08
CA TRP A 208 12.80 -8.73 3.32
C TRP A 208 11.93 -9.21 4.47
N GLU A 209 10.86 -8.46 4.75
CA GLU A 209 9.94 -8.76 5.84
C GLU A 209 9.30 -10.15 5.84
N ASN A 210 9.20 -10.77 4.68
CA ASN A 210 8.57 -12.09 4.59
C ASN A 210 9.50 -13.25 4.23
N THR A 211 10.79 -12.96 4.12
CA THR A 211 11.78 -13.98 3.80
C THR A 211 12.75 -14.17 4.95
N ASN A 212 13.43 -15.31 4.94
CA ASN A 212 14.42 -15.66 5.96
C ASN A 212 13.88 -15.72 7.37
N GLY A 213 12.79 -16.45 7.56
CA GLY A 213 12.21 -16.61 8.88
C GLY A 213 11.78 -15.33 9.58
N GLU A 214 11.46 -14.30 8.80
CA GLU A 214 11.01 -13.03 9.35
C GLU A 214 9.50 -13.00 9.56
N SER A 215 8.75 -13.85 8.84
CA SER A 215 7.29 -13.89 8.93
C SER A 215 6.65 -15.03 9.72
N THR A 216 7.29 -16.19 9.72
CA THR A 216 6.77 -17.36 10.44
C THR A 216 5.39 -17.82 10.02
N ALA A 217 4.84 -17.20 9.00
CA ALA A 217 3.54 -17.62 8.52
C ALA A 217 3.65 -18.86 7.62
N ASP A 218 2.75 -19.82 7.83
CA ASP A 218 2.70 -21.06 7.06
C ASP A 218 3.40 -20.97 5.70
N TRP A 219 2.90 -20.08 4.84
CA TRP A 219 3.44 -19.92 3.49
C TRP A 219 4.75 -19.13 3.34
N ALA A 220 5.35 -18.69 4.43
CA ALA A 220 6.56 -17.90 4.32
C ALA A 220 7.81 -18.30 5.10
N LYS A 221 7.64 -19.03 6.19
CA LYS A 221 8.79 -19.44 7.00
C LYS A 221 9.94 -20.07 6.21
N ASN A 222 9.62 -20.92 5.24
CA ASN A 222 10.65 -21.57 4.43
C ASN A 222 11.14 -20.78 3.23
N LEU A 223 10.74 -19.53 3.12
CA LEU A 223 11.18 -18.71 2.00
C LEU A 223 12.55 -18.11 2.29
N LYS A 224 13.43 -18.18 1.30
CA LYS A 224 14.76 -17.61 1.43
C LYS A 224 14.94 -16.51 0.39
N ARG A 225 15.55 -15.41 0.80
CA ARG A 225 15.77 -14.27 -0.10
C ARG A 225 16.49 -14.62 -1.39
N GLU A 226 17.51 -15.47 -1.28
CA GLU A 226 18.30 -15.86 -2.44
C GLU A 226 17.53 -16.58 -3.54
N ASP A 227 16.27 -16.93 -3.27
CA ASP A 227 15.47 -17.62 -4.27
C ASP A 227 14.66 -16.61 -5.07
N PHE A 228 14.89 -15.33 -4.78
CA PHE A 228 14.18 -14.25 -5.44
C PHE A 228 15.14 -13.32 -6.17
N ARG A 229 14.61 -12.61 -7.16
CA ARG A 229 15.39 -11.68 -7.98
C ARG A 229 14.53 -10.47 -8.39
N LEU A 230 15.21 -9.36 -8.68
CA LEU A 230 14.53 -8.13 -9.08
C LEU A 230 14.70 -7.86 -10.57
N LEU A 231 13.62 -7.44 -11.22
CA LEU A 231 13.69 -7.12 -12.64
C LEU A 231 14.01 -5.65 -12.78
N CYS A 232 15.16 -5.32 -13.34
CA CYS A 232 15.52 -3.91 -13.52
C CYS A 232 14.97 -3.48 -14.86
N LEU A 233 15.00 -2.18 -15.12
CA LEU A 233 14.48 -1.66 -16.37
C LEU A 233 15.50 -1.79 -17.51
N ASP A 234 16.73 -2.14 -17.17
CA ASP A 234 17.77 -2.29 -18.20
C ASP A 234 17.84 -3.74 -18.68
N GLY A 235 16.80 -4.52 -18.39
CA GLY A 235 16.75 -5.92 -18.81
C GLY A 235 17.56 -6.87 -17.94
N THR A 236 18.21 -6.33 -16.92
CA THR A 236 19.04 -7.11 -16.01
C THR A 236 18.21 -7.72 -14.89
N ARG A 237 18.83 -8.61 -14.12
CA ARG A 237 18.20 -9.24 -12.97
C ARG A 237 19.23 -9.11 -11.87
N LYS A 238 18.79 -8.72 -10.68
CA LYS A 238 19.69 -8.55 -9.56
C LYS A 238 19.10 -9.12 -8.28
N PRO A 239 19.96 -9.35 -7.27
CA PRO A 239 19.53 -9.88 -5.97
C PRO A 239 18.71 -8.83 -5.22
N VAL A 240 17.95 -9.25 -4.23
CA VAL A 240 17.12 -8.31 -3.50
C VAL A 240 17.97 -7.33 -2.70
N THR A 241 19.27 -7.59 -2.61
CA THR A 241 20.18 -6.71 -1.88
C THR A 241 20.55 -5.47 -2.69
N GLU A 242 20.38 -5.54 -4.00
CA GLU A 242 20.72 -4.44 -4.89
C GLU A 242 19.50 -3.59 -5.23
N ALA A 243 18.62 -3.38 -4.26
CA ALA A 243 17.41 -2.60 -4.51
C ALA A 243 17.60 -1.17 -5.04
N GLN A 244 18.56 -0.45 -4.47
CA GLN A 244 18.82 0.94 -4.86
C GLN A 244 19.26 1.13 -6.31
N SER A 245 19.77 0.06 -6.92
CA SER A 245 20.23 0.15 -8.30
C SER A 245 19.37 -0.66 -9.26
N CYS A 246 18.14 -0.95 -8.86
CA CYS A 246 17.24 -1.77 -9.69
C CYS A 246 15.79 -1.73 -9.20
N HIS A 247 15.16 -0.57 -9.33
CA HIS A 247 13.77 -0.39 -8.91
C HIS A 247 13.01 0.33 -10.01
N LEU A 248 11.69 0.20 -10.01
CA LEU A 248 10.91 0.86 -11.03
C LEU A 248 10.69 2.34 -10.72
N ALA A 249 10.63 2.66 -9.44
CA ALA A 249 10.41 4.05 -9.03
C ALA A 249 10.45 4.14 -7.52
N VAL A 250 10.56 5.36 -7.00
CA VAL A 250 10.54 5.57 -5.55
C VAL A 250 9.15 6.15 -5.26
N ALA A 251 8.37 5.40 -4.49
CA ALA A 251 7.01 5.80 -4.16
C ALA A 251 6.88 6.65 -2.92
N PRO A 252 5.94 7.61 -2.93
CA PRO A 252 5.76 8.47 -1.76
C PRO A 252 5.06 7.69 -0.65
N ASN A 253 5.54 7.83 0.57
CA ASN A 253 4.97 7.12 1.70
C ASN A 253 3.45 7.19 1.83
N HIS A 254 2.87 6.16 2.44
CA HIS A 254 1.45 6.15 2.67
C HIS A 254 1.22 7.23 3.72
N ALA A 255 0.06 7.87 3.69
CA ALA A 255 -0.22 8.91 4.66
C ALA A 255 -1.68 8.97 5.02
N VAL A 256 -1.95 9.51 6.21
CA VAL A 256 -3.30 9.67 6.73
C VAL A 256 -3.92 10.89 6.06
N VAL A 257 -5.15 10.75 5.59
CA VAL A 257 -5.85 11.88 4.97
C VAL A 257 -7.17 12.17 5.67
N SER A 258 -7.69 13.37 5.46
CA SER A 258 -8.93 13.76 6.08
C SER A 258 -9.47 14.93 5.30
N ARG A 259 -10.69 15.34 5.61
CA ARG A 259 -11.27 16.47 4.93
C ARG A 259 -10.51 17.66 5.53
N SER A 260 -10.17 18.64 4.70
CA SER A 260 -9.40 19.79 5.16
C SER A 260 -9.93 20.54 6.38
N ASP A 261 -11.24 20.55 6.56
CA ASP A 261 -11.80 21.24 7.71
C ASP A 261 -11.66 20.44 8.99
N ARG A 262 -11.12 19.23 8.90
CA ARG A 262 -10.94 18.38 10.09
C ARG A 262 -9.48 18.06 10.36
N ALA A 263 -8.64 18.23 9.34
CA ALA A 263 -7.21 17.93 9.45
C ALA A 263 -6.50 18.36 10.73
N ALA A 264 -6.81 19.56 11.22
CA ALA A 264 -6.17 20.02 12.45
C ALA A 264 -6.54 19.15 13.64
N HIS A 265 -7.79 18.69 13.69
CA HIS A 265 -8.20 17.87 14.80
C HIS A 265 -7.84 16.42 14.61
N VAL A 266 -7.77 15.98 13.37
CA VAL A 266 -7.38 14.60 13.10
C VAL A 266 -5.90 14.45 13.46
N GLU A 267 -5.14 15.50 13.17
CA GLU A 267 -3.70 15.52 13.43
C GLU A 267 -3.35 15.53 14.90
N GLN A 268 -4.11 16.27 15.71
CA GLN A 268 -3.86 16.37 17.13
C GLN A 268 -4.15 15.07 17.89
N VAL A 269 -5.33 14.49 17.65
CA VAL A 269 -5.73 13.25 18.30
C VAL A 269 -4.75 12.12 17.99
N LEU A 270 -4.27 12.08 16.75
CA LEU A 270 -3.35 11.03 16.33
C LEU A 270 -1.99 11.11 16.98
N LEU A 271 -1.41 12.30 17.04
CA LEU A 271 -0.11 12.49 17.65
C LEU A 271 -0.14 11.96 19.08
N HIS A 272 -1.21 12.34 19.80
CA HIS A 272 -1.42 11.91 21.17
C HIS A 272 -1.63 10.41 21.19
N GLN A 273 -2.49 9.94 20.30
CA GLN A 273 -2.78 8.52 20.20
C GLN A 273 -1.51 7.68 20.05
N GLN A 274 -0.59 8.14 19.19
CA GLN A 274 0.65 7.39 18.95
C GLN A 274 1.66 7.51 20.10
N ALA A 275 1.43 8.47 21.00
CA ALA A 275 2.29 8.65 22.16
C ALA A 275 1.95 7.51 23.11
N LEU A 276 0.72 7.03 22.99
CA LEU A 276 0.22 5.93 23.80
C LEU A 276 0.42 4.54 23.20
N PHE A 277 0.14 4.40 21.90
CA PHE A 277 0.26 3.10 21.24
C PHE A 277 1.31 3.04 20.14
N GLY A 278 2.15 4.07 20.04
CA GLY A 278 3.19 4.08 19.02
C GLY A 278 4.35 3.13 19.30
N LYS A 279 5.43 3.22 18.51
CA LYS A 279 6.56 2.31 18.70
C LYS A 279 7.09 2.25 20.12
N ASN A 280 7.23 3.40 20.76
CA ASN A 280 7.72 3.44 22.14
C ASN A 280 6.64 4.05 23.02
N GLY A 281 5.38 3.80 22.65
CA GLY A 281 4.25 4.34 23.39
C GLY A 281 4.02 3.80 24.78
N LYS A 282 3.43 4.64 25.62
CA LYS A 282 3.13 4.30 27.00
C LYS A 282 2.58 2.90 27.17
N ASN A 283 1.62 2.53 26.32
CA ASN A 283 0.96 1.23 26.44
C ASN A 283 1.04 0.28 25.24
N CYS A 284 1.97 0.49 24.32
CA CYS A 284 2.03 -0.39 23.16
C CYS A 284 2.31 -1.84 23.45
N PRO A 285 3.57 -2.18 23.78
CA PRO A 285 3.79 -3.61 24.03
C PRO A 285 2.84 -4.22 25.05
N ASP A 286 2.66 -3.53 26.17
CA ASP A 286 1.80 -3.98 27.26
C ASP A 286 0.34 -4.21 26.86
N LYS A 287 -0.34 -3.15 26.43
CA LYS A 287 -1.75 -3.28 26.09
C LYS A 287 -2.17 -3.35 24.62
N PHE A 288 -1.75 -2.39 23.82
CA PHE A 288 -2.12 -2.37 22.40
C PHE A 288 -1.13 -1.58 21.55
N CYS A 289 -0.69 -2.16 20.44
CA CYS A 289 0.23 -1.46 19.55
C CYS A 289 -0.44 -1.16 18.22
N LEU A 290 -0.54 0.13 17.91
CA LEU A 290 -1.15 0.60 16.68
C LEU A 290 -0.46 0.10 15.42
N PHE A 291 0.86 0.01 15.46
CA PHE A 291 1.61 -0.40 14.28
C PHE A 291 1.96 -1.89 14.18
N LYS A 292 1.16 -2.75 14.79
CA LYS A 292 1.42 -4.17 14.73
C LYS A 292 0.15 -4.94 14.39
N SER A 293 0.24 -5.89 13.47
CA SER A 293 -0.91 -6.70 13.07
C SER A 293 -0.52 -8.10 12.56
N GLU A 294 0.76 -8.43 12.68
CA GLU A 294 1.35 -9.73 12.30
C GLU A 294 1.67 -10.00 10.83
N THR A 295 2.24 -9.00 10.16
CA THR A 295 2.62 -9.05 8.75
C THR A 295 1.39 -8.84 7.86
N LYS A 296 0.35 -8.24 8.43
CA LYS A 296 -0.87 -8.02 7.68
C LYS A 296 -1.13 -6.56 7.31
N ASN A 297 -0.23 -5.67 7.70
CA ASN A 297 -0.37 -4.25 7.37
C ASN A 297 -1.79 -3.69 7.52
N LEU A 298 -2.40 -3.92 8.68
CA LEU A 298 -3.76 -3.45 8.96
C LEU A 298 -3.77 -2.03 9.50
N LEU A 299 -4.49 -1.16 8.81
CA LEU A 299 -4.63 0.27 9.16
C LEU A 299 -3.36 1.05 8.92
N PHE A 300 -2.22 0.41 9.15
CA PHE A 300 -0.90 1.03 8.96
C PHE A 300 0.07 -0.10 8.67
N ASN A 301 1.15 0.19 7.92
CA ASN A 301 2.14 -0.85 7.62
C ASN A 301 2.86 -1.21 8.91
N ASP A 302 3.14 -2.50 9.08
CA ASP A 302 3.83 -2.97 10.27
C ASP A 302 5.22 -2.35 10.45
N ASN A 303 5.86 -1.94 9.35
CA ASN A 303 7.19 -1.37 9.44
C ASN A 303 7.24 0.11 9.86
N THR A 304 6.08 0.70 10.12
CA THR A 304 6.01 2.10 10.52
C THR A 304 6.65 2.33 11.89
N GLU A 305 7.54 3.31 11.97
CA GLU A 305 8.17 3.66 13.24
C GLU A 305 7.20 4.61 13.93
N CYS A 306 6.70 5.57 13.16
CA CYS A 306 5.76 6.55 13.68
C CYS A 306 5.13 7.27 12.50
N LEU A 307 4.07 8.04 12.80
CA LEU A 307 3.40 8.86 11.81
C LEU A 307 4.10 10.19 11.99
N ALA A 308 4.52 10.84 10.91
CA ALA A 308 5.25 12.09 11.05
C ALA A 308 4.57 13.33 10.49
N LYS A 309 4.86 14.47 11.10
CA LYS A 309 4.31 15.76 10.65
C LYS A 309 4.80 15.94 9.24
N LEU A 310 4.22 16.89 8.52
CA LEU A 310 4.64 17.08 7.14
C LEU A 310 5.60 18.22 6.89
N GLY A 311 5.28 19.41 7.35
CA GLY A 311 6.19 20.53 7.13
C GLY A 311 6.08 20.98 5.69
N GLY A 312 5.68 22.23 5.55
CA GLY A 312 5.47 22.82 4.24
C GLY A 312 3.98 22.69 3.99
N ARG A 313 3.24 22.30 5.04
CA ARG A 313 1.79 22.05 4.97
C ARG A 313 1.52 21.90 3.47
N PRO A 314 1.92 20.69 2.90
CA PRO A 314 1.67 20.32 1.47
C PRO A 314 0.29 20.10 1.03
N THR A 315 0.07 20.40 -0.18
CA THR A 315 -1.18 19.99 -0.81
C THR A 315 -0.91 18.59 -1.39
N TYR A 316 -1.95 17.87 -1.78
CA TYR A 316 -1.76 16.51 -2.30
C TYR A 316 -0.81 16.40 -3.49
N GLU A 317 -0.88 17.37 -4.41
CA GLU A 317 -0.03 17.36 -5.59
C GLU A 317 1.44 17.52 -5.19
N GLU A 318 1.68 18.26 -4.12
CA GLU A 318 3.03 18.49 -3.64
C GLU A 318 3.53 17.29 -2.87
N TYR A 319 2.69 16.75 -2.00
CA TYR A 319 3.08 15.60 -1.23
C TYR A 319 3.46 14.46 -2.17
N LEU A 320 2.64 14.24 -3.19
CA LEU A 320 2.92 13.16 -4.14
C LEU A 320 4.07 13.51 -5.08
N GLY A 321 4.29 14.81 -5.30
CA GLY A 321 5.34 15.25 -6.17
C GLY A 321 4.90 15.27 -7.62
N THR A 322 5.30 16.31 -8.36
CA THR A 322 4.93 16.43 -9.77
C THR A 322 5.29 15.23 -10.61
N GLU A 323 6.39 14.56 -10.26
CA GLU A 323 6.85 13.38 -10.99
C GLU A 323 5.74 12.34 -11.10
N TYR A 324 5.33 11.83 -9.94
CA TYR A 324 4.28 10.82 -9.83
C TYR A 324 2.89 11.31 -10.29
N VAL A 325 2.60 12.58 -10.08
CA VAL A 325 1.31 13.11 -10.48
C VAL A 325 1.09 13.02 -11.98
N THR A 326 2.12 13.27 -12.77
CA THR A 326 1.98 13.18 -14.22
C THR A 326 1.81 11.69 -14.59
N ALA A 327 2.61 10.83 -13.94
CA ALA A 327 2.55 9.40 -14.18
C ALA A 327 1.10 8.91 -14.14
N ILE A 328 0.40 9.23 -13.06
CA ILE A 328 -0.99 8.82 -12.89
C ILE A 328 -1.93 9.42 -13.94
N ALA A 329 -1.76 10.71 -14.22
CA ALA A 329 -2.59 11.39 -15.21
C ALA A 329 -2.51 10.74 -16.58
N ASN A 330 -1.27 10.48 -17.04
CA ASN A 330 -1.05 9.86 -18.34
C ASN A 330 -1.72 8.50 -18.44
N LEU A 331 -1.65 7.74 -17.35
CA LEU A 331 -2.24 6.41 -17.30
C LEU A 331 -3.77 6.47 -17.27
N LYS A 332 -4.30 7.47 -16.56
CA LYS A 332 -5.75 7.63 -16.42
C LYS A 332 -6.40 8.04 -17.73
N LYS A 333 -5.62 8.59 -18.66
CA LYS A 333 -6.15 9.00 -19.94
C LYS A 333 -6.68 7.76 -20.65
N CYS A 334 -6.11 6.62 -20.28
CA CYS A 334 -6.46 5.32 -20.83
C CYS A 334 -7.83 4.78 -20.41
N SER A 335 -8.14 4.86 -19.12
CA SER A 335 -9.41 4.35 -18.63
C SER A 335 -10.60 5.20 -19.09
N LEU A 340 -10.26 15.91 -17.61
CA LEU A 340 -9.14 15.20 -17.00
C LEU A 340 -8.84 15.72 -15.56
N GLU A 341 -9.83 16.41 -14.98
CA GLU A 341 -9.81 16.97 -13.61
C GLU A 341 -11.24 16.73 -13.18
N ALA A 342 -11.48 16.42 -11.90
CA ALA A 342 -12.85 16.12 -11.50
C ALA A 342 -13.10 15.39 -10.19
N CYS A 343 -12.57 14.17 -10.14
CA CYS A 343 -12.72 13.30 -8.97
C CYS A 343 -13.91 12.37 -9.17
N ALA A 344 -13.60 11.10 -9.37
CA ALA A 344 -14.61 10.09 -9.61
C ALA A 344 -15.81 9.92 -8.64
N PHE A 345 -16.32 10.93 -7.96
CA PHE A 345 -17.51 10.62 -7.14
C PHE A 345 -18.58 11.71 -7.19
#